data_9HDV
#
_entry.id   9HDV
#
_cell.length_a   77.510
_cell.length_b   116.330
_cell.length_c   61.970
_cell.angle_alpha   90.00
_cell.angle_beta   90.00
_cell.angle_gamma   90.00
#
_symmetry.space_group_name_H-M   'C 2 2 21'
#
loop_
_entity.id
_entity.type
_entity.pdbx_description
1 polymer "Uridine 5'-monophosphate synthase"
2 non-polymer "1-(beta-D-Ribofuranosyl)cyanuric acid-5'-monophosphate"
3 non-polymer PROLINE
4 water water
#
_entity_poly.entity_id   1
_entity_poly.type   'polypeptide(L)'
_entity_poly.pdbx_seq_one_letter_code
;MELSFGARAELPRIHPVASKLLRLMQKKETNLCLSADVSLARELLQLADALGPSICMLKTHVDILNDFTLDVMKELITLA
K(CSS)HEFLIFEDRKFADIGNTVKKQYEGGIFKIASWADLVNAHVVPGSGVVKGLQEVGLPLHRGCLLIAEMSSTGSLA
TGDYTRAAVRMAEEHSEFVVGFISGSRVSMKPEFLHLTPGVQLEAGGDNLGQQYNSPQEVIGKRGSDIIIVGRGIISAAD
RLEAAEMYRKAAWEAYLSRLGV
;
_entity_poly.pdbx_strand_id   A
#
loop_
_chem_comp.id
_chem_comp.type
_chem_comp.name
_chem_comp.formula
A1IT4 non-polymer '1-(beta-D-Ribofuranosyl)cyanuric acid-5'-monophosphate' 'C8 H12 N3 O10 P'
#
# COMPACT_ATOMS: atom_id res chain seq x y z
N MET A 1 15.23 -6.74 -19.02
CA MET A 1 15.83 -7.02 -17.73
C MET A 1 14.81 -6.97 -16.59
N GLU A 2 13.73 -6.20 -16.76
CA GLU A 2 12.73 -6.11 -15.71
C GLU A 2 11.99 -7.42 -15.55
N LEU A 3 11.88 -7.88 -14.32
CA LEU A 3 11.17 -9.11 -14.06
C LEU A 3 9.69 -8.81 -13.88
N SER A 4 8.87 -9.77 -14.29
CA SER A 4 7.43 -9.68 -14.08
C SER A 4 7.16 -9.73 -12.59
N PHE A 5 5.96 -9.33 -12.21
CA PHE A 5 5.56 -9.47 -10.82
C PHE A 5 5.70 -10.91 -10.34
N GLY A 6 5.26 -11.87 -11.17
CA GLY A 6 5.33 -13.27 -10.80
C GLY A 6 6.75 -13.73 -10.54
N ALA A 7 7.68 -13.27 -11.36
CA ALA A 7 9.08 -13.61 -11.14
C ALA A 7 9.63 -12.90 -9.91
N ARG A 8 9.26 -11.64 -9.69
CA ARG A 8 9.73 -10.93 -8.50
C ARG A 8 9.27 -11.64 -7.24
N ALA A 9 8.13 -12.31 -7.31
CA ALA A 9 7.59 -13.03 -6.15
C ALA A 9 8.49 -14.17 -5.73
N GLU A 10 9.34 -14.65 -6.63
CA GLU A 10 10.23 -15.77 -6.36
C GLU A 10 11.65 -15.33 -6.05
N LEU A 11 11.91 -14.03 -5.96
CA LEU A 11 13.29 -13.63 -5.75
C LEU A 11 13.81 -14.16 -4.42
N PRO A 12 15.10 -14.44 -4.35
CA PRO A 12 15.66 -15.04 -3.12
C PRO A 12 15.44 -14.23 -1.87
N ARG A 13 15.57 -12.91 -1.96
CA ARG A 13 15.45 -12.03 -0.81
C ARG A 13 14.05 -11.45 -0.64
N ILE A 14 13.06 -11.99 -1.34
CA ILE A 14 11.69 -11.48 -1.22
C ILE A 14 11.14 -11.75 0.16
N HIS A 15 10.42 -10.78 0.69
CA HIS A 15 9.72 -10.95 1.93
C HIS A 15 8.41 -11.71 1.67
N PRO A 16 7.99 -12.61 2.55
CA PRO A 16 6.78 -13.41 2.25
C PRO A 16 5.53 -12.59 2.00
N VAL A 17 5.39 -11.42 2.62
CA VAL A 17 4.21 -10.61 2.35
C VAL A 17 4.27 -10.06 0.93
N ALA A 18 5.46 -9.61 0.52
CA ALA A 18 5.62 -9.11 -0.85
C ALA A 18 5.42 -10.22 -1.85
N SER A 19 5.93 -11.43 -1.58
N SER A 19 5.94 -11.41 -1.56
CA SER A 19 5.77 -12.51 -2.54
CA SER A 19 5.78 -12.52 -2.51
C SER A 19 4.31 -12.89 -2.69
C SER A 19 4.31 -12.87 -2.68
N LYS A 20 3.54 -12.85 -1.59
CA LYS A 20 2.12 -13.16 -1.67
C LYS A 20 1.38 -12.11 -2.51
N LEU A 21 1.73 -10.85 -2.28
CA LEU A 21 1.18 -9.74 -3.02
C LEU A 21 1.52 -9.84 -4.50
N LEU A 22 2.79 -10.06 -4.81
CA LEU A 22 3.21 -10.13 -6.21
C LEU A 22 2.53 -11.28 -6.92
N ARG A 23 2.37 -12.41 -6.24
N ARG A 23 2.37 -12.41 -6.24
CA ARG A 23 1.74 -13.56 -6.87
CA ARG A 23 1.75 -13.57 -6.89
C ARG A 23 0.29 -13.26 -7.23
C ARG A 23 0.28 -13.29 -7.21
N LEU A 24 -0.46 -12.68 -6.29
CA LEU A 24 -1.87 -12.38 -6.57
C LEU A 24 -2.03 -11.23 -7.59
N MET A 25 -1.13 -10.25 -7.60
CA MET A 25 -1.14 -9.25 -8.66
C MET A 25 -1.01 -9.89 -10.04
N GLN A 26 -0.06 -10.82 -10.18
CA GLN A 26 0.13 -11.51 -11.44
C GLN A 26 -1.06 -12.38 -11.78
N LYS A 27 -1.62 -13.08 -10.78
CA LYS A 27 -2.74 -13.99 -11.05
C LYS A 27 -3.99 -13.23 -11.46
N LYS A 28 -4.24 -12.11 -10.81
CA LYS A 28 -5.46 -11.35 -11.02
C LYS A 28 -5.30 -10.25 -12.06
N GLU A 29 -4.09 -10.07 -12.59
N GLU A 29 -4.08 -10.05 -12.57
CA GLU A 29 -3.81 -8.94 -13.48
CA GLU A 29 -3.81 -8.95 -13.48
C GLU A 29 -4.29 -7.63 -12.86
C GLU A 29 -4.25 -7.62 -12.88
N THR A 30 -3.88 -7.39 -11.61
CA THR A 30 -4.17 -6.12 -10.98
C THR A 30 -2.99 -5.63 -10.16
N ASN A 31 -2.64 -4.37 -10.37
CA ASN A 31 -1.71 -3.62 -9.55
C ASN A 31 -2.37 -2.34 -9.03
N LEU A 32 -3.66 -2.43 -8.73
CA LEU A 32 -4.43 -1.32 -8.19
C LEU A 32 -4.67 -1.54 -6.69
N CYS A 33 -4.32 -0.54 -5.89
CA CYS A 33 -4.69 -0.52 -4.47
C CYS A 33 -5.82 0.49 -4.28
N LEU A 34 -6.94 0.04 -3.74
CA LEU A 34 -8.09 0.91 -3.48
C LEU A 34 -7.86 1.61 -2.16
N SER A 35 -7.90 2.92 -2.18
CA SER A 35 -7.85 3.69 -0.95
C SER A 35 -9.28 3.92 -0.51
N ALA A 36 -9.71 3.13 0.46
CA ALA A 36 -11.12 3.04 0.83
C ALA A 36 -11.41 4.08 1.91
N ASP A 37 -11.41 5.34 1.48
CA ASP A 37 -11.44 6.46 2.41
C ASP A 37 -12.89 6.85 2.72
N VAL A 38 -13.52 6.00 3.52
CA VAL A 38 -14.94 6.10 3.84
C VAL A 38 -15.08 6.07 5.35
N SER A 39 -16.21 6.56 5.82
CA SER A 39 -16.42 6.63 7.25
C SER A 39 -17.35 5.55 7.79
N LEU A 40 -18.04 4.79 6.93
CA LEU A 40 -19.01 3.80 7.35
C LEU A 40 -18.48 2.41 7.04
N ALA A 41 -18.54 1.54 8.04
CA ALA A 41 -18.06 0.17 7.85
C ALA A 41 -18.84 -0.54 6.76
N ARG A 42 -20.14 -0.29 6.65
CA ARG A 42 -20.94 -0.98 5.64
C ARG A 42 -20.45 -0.58 4.25
N GLU A 43 -20.07 0.68 4.07
CA GLU A 43 -19.56 1.09 2.78
C GLU A 43 -18.17 0.50 2.54
N LEU A 44 -17.32 0.46 3.58
CA LEU A 44 -16.03 -0.17 3.45
C LEU A 44 -16.17 -1.63 3.00
N LEU A 45 -17.05 -2.35 3.64
CA LEU A 45 -17.20 -3.78 3.33
C LEU A 45 -17.91 -3.98 1.99
N GLN A 46 -18.87 -3.12 1.63
CA GLN A 46 -19.47 -3.28 0.31
C GLN A 46 -18.47 -2.96 -0.79
N LEU A 47 -17.63 -1.94 -0.60
CA LEU A 47 -16.59 -1.69 -1.58
C LEU A 47 -15.60 -2.86 -1.67
N ALA A 48 -15.18 -3.38 -0.51
CA ALA A 48 -14.19 -4.46 -0.52
C ALA A 48 -14.73 -5.67 -1.23
N ASP A 49 -16.01 -5.98 -1.03
CA ASP A 49 -16.58 -7.17 -1.66
C ASP A 49 -16.73 -6.97 -3.16
N ALA A 50 -17.24 -5.81 -3.59
CA ALA A 50 -17.51 -5.63 -5.02
C ALA A 50 -16.23 -5.41 -5.81
N LEU A 51 -15.26 -4.71 -5.23
CA LEU A 51 -14.05 -4.36 -5.92
C LEU A 51 -12.90 -5.31 -5.62
N GLY A 52 -13.07 -6.20 -4.65
CA GLY A 52 -12.06 -7.18 -4.31
C GLY A 52 -11.39 -7.86 -5.50
N PRO A 53 -12.17 -8.39 -6.43
CA PRO A 53 -11.58 -9.02 -7.61
C PRO A 53 -10.71 -8.12 -8.49
N SER A 54 -10.88 -6.80 -8.41
CA SER A 54 -10.19 -5.85 -9.27
C SER A 54 -8.94 -5.28 -8.61
N ILE A 55 -8.68 -5.61 -7.35
CA ILE A 55 -7.62 -4.94 -6.60
C ILE A 55 -6.63 -5.94 -6.04
N CYS A 56 -5.42 -5.47 -5.78
CA CYS A 56 -4.42 -6.29 -5.14
C CYS A 56 -4.32 -5.98 -3.67
N MET A 57 -4.92 -4.87 -3.28
CA MET A 57 -4.72 -4.35 -1.94
C MET A 57 -5.83 -3.36 -1.68
N LEU A 58 -6.26 -3.30 -0.42
CA LEU A 58 -7.20 -2.31 0.06
C LEU A 58 -6.50 -1.57 1.19
N LYS A 59 -6.37 -0.24 1.02
CA LYS A 59 -5.70 0.63 1.99
C LYS A 59 -6.81 1.25 2.84
N THR A 60 -6.70 1.06 4.17
CA THR A 60 -7.64 1.60 5.14
C THR A 60 -7.04 2.81 5.86
N HIS A 61 -7.93 3.68 6.31
CA HIS A 61 -7.64 4.60 7.39
C HIS A 61 -8.65 4.26 8.49
N VAL A 62 -8.33 3.30 9.37
N VAL A 62 -8.25 3.34 9.37
CA VAL A 62 -9.37 2.90 10.32
CA VAL A 62 -9.16 2.82 10.40
C VAL A 62 -9.71 3.97 11.34
C VAL A 62 -9.66 3.93 11.32
N ASP A 63 -8.85 4.96 11.55
CA ASP A 63 -9.18 5.98 12.50
C ASP A 63 -10.13 7.04 11.93
N ILE A 64 -10.66 6.86 10.72
CA ILE A 64 -11.76 7.68 10.21
C ILE A 64 -13.09 6.90 10.16
N LEU A 65 -13.07 5.62 10.52
N LEU A 65 -13.07 5.62 10.51
CA LEU A 65 -14.31 4.88 10.51
CA LEU A 65 -14.26 4.78 10.40
C LEU A 65 -15.12 5.33 11.71
C LEU A 65 -15.06 4.96 11.68
N ASN A 66 -16.35 5.77 11.47
N ASN A 66 -16.18 5.69 11.57
CA ASN A 66 -17.15 6.18 12.63
CA ASN A 66 -16.89 6.12 12.77
C ASN A 66 -17.51 4.98 13.50
C ASN A 66 -17.58 4.99 13.50
N ASP A 67 -17.68 3.81 12.90
CA ASP A 67 -18.23 2.62 13.54
C ASP A 67 -17.21 1.47 13.51
N PHE A 68 -15.94 1.80 13.67
CA PHE A 68 -14.93 0.75 13.80
C PHE A 68 -15.24 -0.21 14.94
N THR A 69 -15.09 -1.49 14.66
CA THR A 69 -14.95 -2.51 15.68
C THR A 69 -13.98 -3.53 15.14
N LEU A 70 -13.46 -4.38 16.04
CA LEU A 70 -12.62 -5.48 15.57
C LEU A 70 -13.41 -6.44 14.72
N ASP A 71 -14.71 -6.53 14.92
CA ASP A 71 -15.51 -7.42 14.08
C ASP A 71 -15.58 -6.91 12.65
N VAL A 72 -15.57 -5.58 12.46
CA VAL A 72 -15.52 -5.08 11.09
C VAL A 72 -14.26 -5.56 10.42
N MET A 73 -13.14 -5.58 11.15
N MET A 73 -13.14 -5.54 11.15
CA MET A 73 -11.91 -5.99 10.50
CA MET A 73 -11.89 -5.99 10.54
C MET A 73 -11.93 -7.49 10.24
C MET A 73 -11.97 -7.48 10.21
N LYS A 74 -12.62 -8.24 11.09
CA LYS A 74 -12.80 -9.67 10.83
C LYS A 74 -13.55 -9.89 9.53
N GLU A 75 -14.62 -9.13 9.31
CA GLU A 75 -15.35 -9.25 8.04
C GLU A 75 -14.49 -8.81 6.85
N LEU A 76 -13.64 -7.79 7.05
CA LEU A 76 -12.78 -7.35 5.97
C LEU A 76 -11.75 -8.41 5.63
N ILE A 77 -11.23 -9.10 6.64
CA ILE A 77 -10.28 -10.17 6.38
C ILE A 77 -10.95 -11.27 5.60
N THR A 78 -12.20 -11.58 5.92
CA THR A 78 -12.90 -12.62 5.16
C THR A 78 -12.95 -12.28 3.69
N LEU A 79 -13.18 -11.00 3.36
CA LEU A 79 -13.21 -10.58 1.97
C LEU A 79 -11.83 -10.59 1.33
N ALA A 80 -10.81 -10.11 2.04
CA ALA A 80 -9.45 -10.13 1.52
C ALA A 80 -9.02 -11.56 1.18
N LYS A 81 -9.40 -12.52 2.02
N LYS A 81 -9.41 -12.52 2.01
CA LYS A 81 -9.06 -13.91 1.77
CA LYS A 81 -9.06 -13.91 1.76
C LYS A 81 -9.85 -14.43 0.58
C LYS A 81 -9.86 -14.46 0.59
N CSS A 82 -11.14 -14.09 0.53
CA CSS A 82 -12.02 -14.58 -0.51
CB CSS A 82 -13.46 -14.13 -0.28
SG CSS A 82 -14.59 -14.60 -1.56
SD CSS A 82 -14.55 -16.71 -1.38
C CSS A 82 -11.56 -14.07 -1.86
O CSS A 82 -11.37 -14.81 -2.84
H CSS A 82 -11.60 -13.47 1.16
HA CSS A 82 -11.96 -15.72 -0.55
HB2 CSS A 82 -13.47 -13.02 -0.18
HB3 CSS A 82 -13.82 -14.57 0.68
HD CSS A 82 -15.43 -17.03 -2.32
N HIS A 83 -11.34 -12.76 -1.92
CA HIS A 83 -11.06 -12.11 -3.20
C HIS A 83 -9.57 -12.03 -3.51
N GLU A 84 -8.76 -12.36 -2.51
CA GLU A 84 -7.30 -12.34 -2.58
C GLU A 84 -6.75 -10.93 -2.77
N PHE A 85 -6.74 -10.15 -1.71
CA PHE A 85 -6.03 -8.88 -1.69
C PHE A 85 -5.47 -8.72 -0.28
N LEU A 86 -4.47 -7.87 -0.14
N LEU A 86 -4.48 -7.86 -0.17
CA LEU A 86 -3.90 -7.59 1.15
CA LEU A 86 -3.88 -7.53 1.11
C LEU A 86 -4.50 -6.32 1.72
C LEU A 86 -4.61 -6.36 1.74
N ILE A 87 -4.52 -6.27 3.06
CA ILE A 87 -5.03 -5.12 3.81
C ILE A 87 -3.83 -4.32 4.30
N PHE A 88 -3.82 -3.03 3.95
CA PHE A 88 -2.78 -2.05 4.26
C PHE A 88 -3.44 -0.97 5.09
N GLU A 89 -3.04 -0.87 6.35
CA GLU A 89 -3.56 0.18 7.20
C GLU A 89 -2.60 1.35 7.11
N ASP A 90 -3.09 2.45 6.55
CA ASP A 90 -2.28 3.63 6.26
C ASP A 90 -2.17 4.51 7.49
N ARG A 91 -1.42 4.03 8.45
CA ARG A 91 -1.37 4.66 9.77
C ARG A 91 -0.26 5.68 9.83
N LYS A 92 0.71 5.62 8.94
CA LYS A 92 1.82 6.55 8.95
C LYS A 92 2.45 6.68 10.33
N PHE A 93 2.85 5.55 10.90
CA PHE A 93 3.63 5.61 12.14
C PHE A 93 4.78 6.58 11.97
N ALA A 94 5.03 7.36 12.99
CA ALA A 94 5.97 8.45 12.82
C ALA A 94 6.49 8.93 14.17
N ASP A 95 6.61 8.02 15.11
CA ASP A 95 7.02 8.33 16.48
C ASP A 95 8.29 7.55 16.80
N ILE A 96 8.81 7.77 18.02
CA ILE A 96 9.93 6.97 18.51
C ILE A 96 9.52 5.51 18.62
N GLY A 97 10.51 4.62 18.49
CA GLY A 97 10.25 3.18 18.46
C GLY A 97 9.45 2.67 19.64
N ASN A 98 9.75 3.14 20.83
CA ASN A 98 9.02 2.66 21.99
C ASN A 98 7.53 2.99 21.90
N THR A 99 7.19 4.12 21.32
CA THR A 99 5.78 4.48 21.21
C THR A 99 5.08 3.69 20.10
N VAL A 100 5.71 3.59 18.92
CA VAL A 100 4.98 3.01 17.79
C VAL A 100 4.70 1.54 18.05
N LYS A 101 5.56 0.87 18.80
CA LYS A 101 5.34 -0.53 19.16
C LYS A 101 3.94 -0.70 19.73
N LYS A 102 3.58 0.15 20.70
CA LYS A 102 2.28 0.08 21.35
C LYS A 102 1.15 0.53 20.44
N GLN A 103 1.41 1.54 19.61
CA GLN A 103 0.40 2.02 18.67
C GLN A 103 0.06 0.95 17.64
N TYR A 104 1.04 0.10 17.33
CA TYR A 104 0.85 -0.94 16.32
C TYR A 104 0.10 -2.11 16.89
N GLU A 105 0.47 -2.54 18.07
CA GLU A 105 -0.08 -3.74 18.66
C GLU A 105 -1.36 -3.48 19.42
N GLY A 106 -1.47 -2.33 20.05
CA GLY A 106 -2.42 -2.18 21.13
C GLY A 106 -3.54 -1.20 20.84
N GLY A 107 -4.11 -0.61 21.90
CA GLY A 107 -5.16 0.32 21.77
C GLY A 107 -6.43 -0.38 21.31
N ILE A 108 -7.37 0.46 20.89
N ILE A 108 -7.37 0.44 20.88
CA ILE A 108 -8.65 -0.02 20.37
CA ILE A 108 -8.63 -0.14 20.41
C ILE A 108 -8.43 -0.73 19.05
C ILE A 108 -8.49 -0.70 19.01
N PHE A 109 -7.52 -0.24 18.23
CA PHE A 109 -7.44 -0.71 16.85
C PHE A 109 -6.74 -2.05 16.67
N LYS A 110 -5.80 -2.41 17.54
N LYS A 110 -5.80 -2.41 17.54
CA LYS A 110 -5.05 -3.66 17.40
CA LYS A 110 -5.04 -3.64 17.40
C LYS A 110 -4.62 -3.87 15.95
C LYS A 110 -4.62 -3.87 15.95
N ILE A 111 -3.99 -2.86 15.38
CA ILE A 111 -3.68 -2.85 13.95
C ILE A 111 -2.93 -4.10 13.51
N ALA A 112 -1.91 -4.48 14.27
CA ALA A 112 -1.07 -5.59 13.83
C ALA A 112 -1.86 -6.88 13.72
N SER A 113 -3.02 -6.96 14.36
N SER A 113 -3.01 -6.97 14.36
CA SER A 113 -3.81 -8.18 14.38
CA SER A 113 -3.79 -8.21 14.37
C SER A 113 -4.53 -8.44 13.07
C SER A 113 -4.53 -8.45 13.06
N TRP A 114 -4.74 -7.41 12.26
CA TRP A 114 -5.47 -7.55 11.00
C TRP A 114 -4.80 -6.94 9.79
N ALA A 115 -3.83 -6.05 9.95
CA ALA A 115 -3.20 -5.45 8.79
C ALA A 115 -2.01 -6.27 8.27
N ASP A 116 -2.10 -6.69 7.01
CA ASP A 116 -0.93 -7.32 6.39
C ASP A 116 0.24 -6.35 6.31
N LEU A 117 -0.06 -5.10 5.95
CA LEU A 117 0.93 -4.05 5.74
C LEU A 117 0.57 -2.81 6.53
N VAL A 118 1.61 -2.10 6.99
CA VAL A 118 1.47 -0.76 7.52
C VAL A 118 2.58 0.08 6.91
N ASN A 119 2.54 1.38 7.18
CA ASN A 119 3.53 2.28 6.64
C ASN A 119 4.06 3.13 7.77
N ALA A 120 5.22 3.70 7.53
CA ALA A 120 5.90 4.50 8.53
C ALA A 120 6.65 5.62 7.84
N HIS A 121 6.64 6.78 8.46
CA HIS A 121 7.52 7.88 8.08
C HIS A 121 8.90 7.62 8.65
N VAL A 122 9.92 8.03 7.90
CA VAL A 122 11.30 7.75 8.34
C VAL A 122 11.89 8.88 9.15
N VAL A 123 11.15 9.96 9.36
CA VAL A 123 11.73 11.14 10.00
C VAL A 123 12.23 10.87 11.41
N PRO A 124 11.68 9.93 12.18
CA PRO A 124 12.21 9.70 13.51
C PRO A 124 13.55 8.98 13.52
N GLY A 125 14.03 8.53 12.38
CA GLY A 125 15.15 7.60 12.39
C GLY A 125 14.69 6.15 12.43
N SER A 126 15.69 5.25 12.34
CA SER A 126 15.34 3.84 12.15
C SER A 126 14.68 3.20 13.35
N GLY A 127 14.67 3.85 14.50
CA GLY A 127 13.92 3.33 15.63
C GLY A 127 12.45 3.13 15.33
N VAL A 128 11.89 3.92 14.41
CA VAL A 128 10.49 3.71 14.07
C VAL A 128 10.29 2.31 13.51
N VAL A 129 11.20 1.88 12.62
CA VAL A 129 11.13 0.54 12.04
C VAL A 129 11.39 -0.50 13.10
N LYS A 130 12.45 -0.30 13.88
CA LYS A 130 12.81 -1.29 14.89
C LYS A 130 11.67 -1.50 15.86
N GLY A 131 11.00 -0.43 16.24
CA GLY A 131 9.88 -0.57 17.15
C GLY A 131 8.75 -1.34 16.53
N LEU A 132 8.38 -0.99 15.29
CA LEU A 132 7.29 -1.71 14.64
C LEU A 132 7.65 -3.18 14.43
N GLN A 133 8.92 -3.46 14.10
N GLN A 133 8.93 -3.44 14.07
CA GLN A 133 9.32 -4.83 13.77
CA GLN A 133 9.36 -4.80 13.77
C GLN A 133 9.38 -5.72 15.00
C GLN A 133 9.23 -5.69 15.01
N GLU A 134 9.43 -5.14 16.20
CA GLU A 134 9.30 -5.95 17.41
C GLU A 134 7.91 -6.59 17.51
N VAL A 135 6.90 -5.92 16.99
CA VAL A 135 5.57 -6.48 16.92
C VAL A 135 5.35 -7.23 15.63
N GLY A 136 5.73 -6.63 14.50
CA GLY A 136 5.32 -7.11 13.21
C GLY A 136 6.05 -8.35 12.74
N LEU A 137 7.34 -8.44 13.03
CA LEU A 137 8.08 -9.63 12.60
C LEU A 137 7.48 -10.90 13.21
N PRO A 138 7.19 -10.99 14.52
CA PRO A 138 6.56 -12.21 15.04
C PRO A 138 5.21 -12.49 14.41
N LEU A 139 4.51 -11.45 13.96
CA LEU A 139 3.21 -11.64 13.35
C LEU A 139 3.29 -11.77 11.84
N HIS A 140 4.49 -11.95 11.28
N HIS A 140 4.49 -11.87 11.29
CA HIS A 140 4.66 -12.17 9.83
CA HIS A 140 4.65 -12.16 9.86
C HIS A 140 4.07 -11.02 9.00
C HIS A 140 4.10 -11.04 9.00
N ARG A 141 4.18 -9.80 9.49
CA ARG A 141 3.67 -8.63 8.77
C ARG A 141 4.80 -7.95 8.01
N GLY A 142 4.42 -6.97 7.17
CA GLY A 142 5.37 -6.14 6.50
C GLY A 142 5.07 -4.65 6.65
N CYS A 143 6.09 -3.85 6.39
CA CYS A 143 6.01 -2.40 6.52
C CYS A 143 6.44 -1.75 5.23
N LEU A 144 5.78 -0.65 4.88
CA LEU A 144 6.19 0.23 3.80
C LEU A 144 6.74 1.52 4.39
N LEU A 145 7.83 2.01 3.82
CA LEU A 145 8.43 3.26 4.26
C LEU A 145 8.08 4.38 3.30
N ILE A 146 7.74 5.54 3.88
CA ILE A 146 7.31 6.68 3.09
C ILE A 146 8.53 7.41 2.58
N ALA A 147 8.85 7.22 1.29
CA ALA A 147 10.04 7.82 0.71
C ALA A 147 9.76 9.12 -0.02
N GLU A 148 8.52 9.30 -0.50
CA GLU A 148 8.09 10.55 -1.12
C GLU A 148 6.61 10.71 -0.80
N MET A 149 6.13 11.95 -0.88
CA MET A 149 4.71 12.21 -0.75
C MET A 149 4.22 13.02 -1.95
N SER A 150 2.91 12.94 -2.18
CA SER A 150 2.32 13.47 -3.40
C SER A 150 1.84 14.90 -3.25
N SER A 151 1.93 15.46 -2.05
CA SER A 151 1.27 16.70 -1.69
C SER A 151 2.23 17.87 -1.86
N THR A 152 1.64 19.04 -2.10
CA THR A 152 2.40 20.23 -2.39
C THR A 152 3.22 20.66 -1.19
N GLY A 153 4.51 20.86 -1.40
CA GLY A 153 5.41 21.26 -0.35
C GLY A 153 6.05 20.09 0.38
N SER A 154 5.81 18.85 -0.07
CA SER A 154 6.43 17.71 0.57
C SER A 154 7.93 17.94 0.76
N LEU A 155 8.41 17.60 1.97
CA LEU A 155 9.83 17.64 2.30
C LEU A 155 10.48 16.27 2.12
N ALA A 156 9.72 15.26 1.69
CA ALA A 156 10.28 13.92 1.47
C ALA A 156 10.94 13.86 0.09
N THR A 157 12.03 14.57 -0.02
CA THR A 157 12.77 14.68 -1.27
C THR A 157 14.26 14.58 -0.99
N GLY A 158 15.04 14.42 -2.07
CA GLY A 158 16.49 14.48 -1.98
C GLY A 158 17.04 13.49 -0.98
N ASP A 159 17.87 14.00 -0.07
CA ASP A 159 18.52 13.15 0.92
C ASP A 159 17.53 12.46 1.85
N TYR A 160 16.34 13.03 2.02
CA TYR A 160 15.34 12.38 2.86
C TYR A 160 14.87 11.09 2.22
N THR A 161 14.58 11.17 0.91
CA THR A 161 14.19 9.99 0.17
C THR A 161 15.28 8.93 0.21
N ARG A 162 16.54 9.36 0.10
CA ARG A 162 17.67 8.42 0.09
C ARG A 162 17.84 7.77 1.44
N ALA A 163 17.57 8.52 2.51
CA ALA A 163 17.56 7.93 3.84
C ALA A 163 16.49 6.87 3.98
N ALA A 164 15.29 7.13 3.42
CA ALA A 164 14.22 6.14 3.45
C ALA A 164 14.65 4.86 2.77
N VAL A 165 15.27 4.97 1.59
CA VAL A 165 15.67 3.80 0.84
C VAL A 165 16.71 3.00 1.62
N ARG A 166 17.71 3.70 2.16
CA ARG A 166 18.73 3.01 2.96
C ARG A 166 18.11 2.32 4.17
N MET A 167 17.17 2.98 4.83
N MET A 167 17.19 3.00 4.86
CA MET A 167 16.54 2.38 5.99
CA MET A 167 16.52 2.40 6.00
C MET A 167 15.80 1.11 5.59
C MET A 167 15.83 1.10 5.58
N ALA A 168 15.16 1.12 4.43
CA ALA A 168 14.45 -0.07 3.95
C ALA A 168 15.42 -1.19 3.61
N GLU A 169 16.49 -0.87 2.91
N GLU A 169 16.47 -0.88 2.85
CA GLU A 169 17.45 -1.88 2.47
CA GLU A 169 17.46 -1.89 2.53
C GLU A 169 18.21 -2.48 3.66
C GLU A 169 17.94 -2.58 3.79
N GLU A 170 18.26 -1.79 4.82
CA GLU A 170 18.85 -2.30 6.05
C GLU A 170 17.88 -3.03 6.96
N HIS A 171 16.58 -2.98 6.67
CA HIS A 171 15.56 -3.65 7.47
C HIS A 171 14.68 -4.50 6.59
N SER A 172 15.29 -5.21 5.64
CA SER A 172 14.54 -5.95 4.63
C SER A 172 13.78 -7.14 5.20
N GLU A 173 14.04 -7.52 6.44
N GLU A 173 14.07 -7.56 6.43
CA GLU A 173 13.30 -8.60 7.06
CA GLU A 173 13.28 -8.65 7.01
C GLU A 173 11.87 -8.17 7.37
C GLU A 173 11.87 -8.18 7.37
N PHE A 174 11.61 -6.88 7.37
CA PHE A 174 10.32 -6.34 7.73
C PHE A 174 9.83 -5.32 6.72
N VAL A 175 10.73 -4.50 6.17
CA VAL A 175 10.34 -3.50 5.20
C VAL A 175 10.28 -4.14 3.81
N VAL A 176 9.09 -4.10 3.20
CA VAL A 176 8.82 -4.71 1.92
C VAL A 176 8.76 -3.72 0.78
N GLY A 177 8.86 -2.42 1.06
CA GLY A 177 8.74 -1.50 -0.04
C GLY A 177 8.46 -0.09 0.44
N PHE A 178 7.97 0.72 -0.47
CA PHE A 178 7.91 2.16 -0.27
C PHE A 178 6.57 2.68 -0.72
N ILE A 179 6.16 3.78 -0.10
CA ILE A 179 5.22 4.71 -0.68
C ILE A 179 6.05 5.80 -1.34
N SER A 180 5.87 5.98 -2.64
CA SER A 180 6.70 6.94 -3.36
C SER A 180 5.92 7.31 -4.61
N GLY A 181 6.42 8.33 -5.29
CA GLY A 181 5.84 8.75 -6.54
C GLY A 181 6.55 8.14 -7.73
N SER A 182 7.59 7.35 -7.47
N SER A 182 7.66 7.44 -7.49
CA SER A 182 8.36 6.76 -8.55
CA SER A 182 8.42 6.84 -8.56
C SER A 182 9.17 5.62 -7.96
C SER A 182 9.30 5.74 -7.97
N ARG A 183 9.86 4.92 -8.84
CA ARG A 183 10.85 3.96 -8.40
C ARG A 183 11.95 4.72 -7.68
N VAL A 184 12.22 4.33 -6.43
CA VAL A 184 13.30 4.93 -5.67
C VAL A 184 14.39 3.94 -5.30
N SER A 185 14.11 2.63 -5.35
CA SER A 185 15.09 1.60 -5.11
C SER A 185 15.27 0.79 -6.38
N MET A 186 16.53 0.48 -6.69
CA MET A 186 16.84 -0.38 -7.83
C MET A 186 16.71 -1.85 -7.49
N LYS A 187 16.38 -2.22 -6.25
CA LYS A 187 16.30 -3.62 -5.86
C LYS A 187 14.90 -4.15 -6.15
N PRO A 188 14.73 -5.18 -6.97
CA PRO A 188 13.37 -5.57 -7.38
C PRO A 188 12.54 -6.27 -6.31
N GLU A 189 13.15 -6.66 -5.20
N GLU A 189 13.12 -6.62 -5.16
CA GLU A 189 12.41 -7.25 -4.09
CA GLU A 189 12.36 -7.22 -4.07
C GLU A 189 11.58 -6.23 -3.35
C GLU A 189 11.47 -6.20 -3.36
N PHE A 190 11.78 -4.95 -3.62
N PHE A 190 11.71 -4.91 -3.55
CA PHE A 190 11.03 -3.90 -2.95
CA PHE A 190 10.89 -3.89 -2.91
C PHE A 190 9.90 -3.41 -3.85
C PHE A 190 9.71 -3.53 -3.82
N LEU A 191 8.72 -3.31 -3.25
N LEU A 191 8.56 -3.28 -3.19
CA LEU A 191 7.53 -2.78 -3.89
CA LEU A 191 7.37 -2.81 -3.89
C LEU A 191 7.57 -1.27 -3.87
C LEU A 191 7.29 -1.31 -3.76
N HIS A 192 6.93 -0.66 -4.86
CA HIS A 192 6.75 0.79 -4.92
C HIS A 192 5.26 1.02 -5.14
N LEU A 193 4.63 1.72 -4.22
CA LEU A 193 3.20 2.03 -4.28
C LEU A 193 3.07 3.53 -4.37
N THR A 194 2.21 4.02 -5.27
CA THR A 194 2.19 5.43 -5.58
C THR A 194 0.78 5.96 -5.39
N PRO A 195 0.56 6.91 -4.43
CA PRO A 195 -0.72 7.58 -4.35
C PRO A 195 -0.67 8.90 -5.09
N GLY A 196 -1.76 9.66 -5.02
CA GLY A 196 -1.88 10.87 -5.82
C GLY A 196 -2.10 10.49 -7.26
N VAL A 197 -3.06 9.60 -7.49
CA VAL A 197 -3.31 9.06 -8.83
C VAL A 197 -4.75 9.33 -9.25
N GLN A 198 -4.92 9.84 -10.46
CA GLN A 198 -6.23 9.99 -11.09
C GLN A 198 -6.05 9.93 -12.60
N LEU A 199 -7.09 9.51 -13.30
CA LEU A 199 -6.98 9.50 -14.76
C LEU A 199 -6.90 10.90 -15.35
N GLU A 200 -7.61 11.87 -14.78
CA GLU A 200 -7.58 13.25 -15.23
C GLU A 200 -6.58 14.08 -14.42
N ALA A 201 -6.12 15.19 -15.02
CA ALA A 201 -5.20 16.07 -14.31
C ALA A 201 -5.92 16.87 -13.22
N GLY A 202 -5.19 17.23 -12.18
CA GLY A 202 -5.75 18.10 -11.18
C GLY A 202 -5.16 17.83 -9.81
N GLY A 203 -5.99 18.13 -8.82
CA GLY A 203 -5.60 18.05 -7.43
C GLY A 203 -6.84 18.23 -6.56
N ASP A 204 -6.61 18.48 -5.29
CA ASP A 204 -7.67 18.94 -4.39
C ASP A 204 -7.32 20.31 -3.81
N ASN A 205 -8.17 20.79 -2.90
CA ASN A 205 -8.02 22.13 -2.34
C ASN A 205 -7.14 22.14 -1.08
N LEU A 206 -6.61 20.98 -0.71
CA LEU A 206 -5.75 20.82 0.45
C LEU A 206 -4.40 20.20 0.08
N GLY A 207 -3.90 20.50 -1.11
CA GLY A 207 -2.53 20.18 -1.44
C GLY A 207 -2.27 18.88 -2.15
N GLN A 208 -3.30 18.07 -2.40
CA GLN A 208 -3.09 16.85 -3.19
C GLN A 208 -2.85 17.24 -4.64
N GLN A 209 -2.00 16.44 -5.29
CA GLN A 209 -1.63 16.66 -6.68
C GLN A 209 -1.70 15.27 -7.31
N TYR A 210 -2.31 15.21 -8.50
CA TYR A 210 -2.55 13.92 -9.15
C TYR A 210 -1.66 13.74 -10.37
N ASN A 211 -1.30 12.50 -10.58
CA ASN A 211 -0.63 12.08 -11.80
C ASN A 211 -1.35 10.84 -12.30
N SER A 212 -1.16 10.51 -13.58
CA SER A 212 -1.95 9.44 -14.17
C SER A 212 -1.30 8.08 -13.93
N PRO A 213 -2.08 7.00 -14.00
CA PRO A 213 -1.49 5.65 -13.96
C PRO A 213 -0.40 5.41 -14.99
N GLN A 214 -0.64 5.77 -16.23
CA GLN A 214 0.40 5.61 -17.24
C GLN A 214 1.69 6.33 -16.84
N GLU A 215 1.57 7.55 -16.31
CA GLU A 215 2.78 8.27 -15.90
C GLU A 215 3.47 7.57 -14.72
N VAL A 216 2.73 7.20 -13.67
N VAL A 216 2.72 7.24 -13.68
CA VAL A 216 3.42 6.73 -12.47
CA VAL A 216 3.33 6.71 -12.47
C VAL A 216 3.88 5.28 -12.60
C VAL A 216 3.95 5.35 -12.75
N ILE A 217 3.18 4.46 -13.37
CA ILE A 217 3.60 3.09 -13.58
C ILE A 217 4.56 3.00 -14.78
N GLY A 218 4.16 3.61 -15.89
CA GLY A 218 4.97 3.59 -17.10
C GLY A 218 6.27 4.35 -16.97
N LYS A 219 6.20 5.69 -16.90
CA LYS A 219 7.41 6.49 -16.98
C LYS A 219 8.20 6.45 -15.68
N ARG A 220 7.51 6.52 -14.55
CA ARG A 220 8.18 6.66 -13.27
C ARG A 220 8.50 5.34 -12.59
N GLY A 221 7.99 4.21 -13.09
CA GLY A 221 8.48 2.90 -12.71
C GLY A 221 7.94 2.35 -11.42
N SER A 222 6.79 2.83 -10.97
N SER A 222 6.83 2.88 -10.93
CA SER A 222 6.23 2.31 -9.75
CA SER A 222 6.23 2.33 -9.73
C SER A 222 5.42 1.06 -10.06
C SER A 222 5.56 1.00 -10.04
N ASP A 223 5.10 0.31 -9.01
CA ASP A 223 4.45 -0.98 -9.20
C ASP A 223 2.94 -0.94 -9.07
N ILE A 224 2.42 -0.15 -8.13
CA ILE A 224 1.04 -0.19 -7.71
C ILE A 224 0.54 1.25 -7.58
N ILE A 225 -0.64 1.53 -8.09
CA ILE A 225 -1.27 2.83 -7.93
C ILE A 225 -2.23 2.72 -6.76
N ILE A 226 -2.22 3.73 -5.90
CA ILE A 226 -3.17 3.87 -4.80
C ILE A 226 -4.17 4.95 -5.20
N VAL A 227 -5.45 4.57 -5.37
CA VAL A 227 -6.50 5.47 -5.82
C VAL A 227 -7.61 5.52 -4.80
N GLY A 228 -7.97 6.75 -4.37
CA GLY A 228 -9.10 7.02 -3.51
C GLY A 228 -10.26 7.66 -4.25
N ARG A 229 -10.30 8.99 -4.27
CA ARG A 229 -11.47 9.71 -4.80
C ARG A 229 -11.77 9.39 -6.25
N GLY A 230 -10.75 9.12 -7.06
CA GLY A 230 -11.02 8.81 -8.47
C GLY A 230 -11.93 7.60 -8.64
N ILE A 231 -11.93 6.72 -7.65
CA ILE A 231 -12.87 5.61 -7.57
C ILE A 231 -14.03 5.92 -6.64
N ILE A 232 -13.75 6.32 -5.39
N ILE A 232 -13.76 6.31 -5.39
CA ILE A 232 -14.79 6.38 -4.38
CA ILE A 232 -14.81 6.32 -4.40
C ILE A 232 -15.88 7.37 -4.76
C ILE A 232 -15.82 7.45 -4.59
N SER A 233 -15.50 8.50 -5.34
CA SER A 233 -16.48 9.55 -5.63
C SER A 233 -17.27 9.27 -6.90
N ALA A 234 -16.87 8.26 -7.67
CA ALA A 234 -17.58 7.94 -8.91
C ALA A 234 -18.90 7.27 -8.58
N ALA A 235 -19.87 7.38 -9.47
CA ALA A 235 -21.13 6.70 -9.23
C ALA A 235 -20.94 5.19 -9.22
N ASP A 236 -20.35 4.66 -10.28
CA ASP A 236 -20.13 3.22 -10.41
C ASP A 236 -18.69 2.96 -10.02
N ARG A 237 -18.48 2.62 -8.75
CA ARG A 237 -17.13 2.38 -8.25
C ARG A 237 -16.49 1.16 -8.87
N LEU A 238 -17.29 0.17 -9.27
CA LEU A 238 -16.70 -1.02 -9.85
C LEU A 238 -16.13 -0.71 -11.22
N GLU A 239 -16.90 -0.01 -12.06
N GLU A 239 -16.90 0.01 -12.06
CA GLU A 239 -16.37 0.37 -13.38
CA GLU A 239 -16.41 0.40 -13.37
C GLU A 239 -15.18 1.29 -13.24
C GLU A 239 -15.20 1.30 -13.24
N ALA A 240 -15.20 2.20 -12.26
CA ALA A 240 -14.05 3.08 -12.06
C ALA A 240 -12.82 2.27 -11.67
N ALA A 241 -12.98 1.31 -10.77
CA ALA A 241 -11.85 0.49 -10.35
C ALA A 241 -11.31 -0.27 -11.53
N GLU A 242 -12.22 -0.79 -12.37
CA GLU A 242 -11.76 -1.52 -13.55
C GLU A 242 -11.00 -0.61 -14.50
N MET A 243 -11.44 0.65 -14.65
N MET A 243 -11.46 0.65 -14.66
CA MET A 243 -10.72 1.58 -15.50
CA MET A 243 -10.72 1.59 -15.49
C MET A 243 -9.33 1.87 -14.95
C MET A 243 -9.32 1.82 -14.94
N TYR A 244 -9.21 2.03 -13.64
CA TYR A 244 -7.89 2.22 -13.05
C TYR A 244 -7.04 0.96 -13.13
N ARG A 245 -7.66 -0.21 -12.98
CA ARG A 245 -6.90 -1.45 -13.04
C ARG A 245 -6.32 -1.65 -14.43
N LYS A 246 -7.15 -1.48 -15.46
CA LYS A 246 -6.67 -1.67 -16.81
C LYS A 246 -5.58 -0.68 -17.15
N ALA A 247 -5.70 0.54 -16.65
CA ALA A 247 -4.68 1.56 -16.91
C ALA A 247 -3.37 1.14 -16.28
N ALA A 248 -3.40 0.80 -15.00
CA ALA A 248 -2.15 0.47 -14.31
C ALA A 248 -1.54 -0.83 -14.83
N TRP A 249 -2.39 -1.79 -15.22
CA TRP A 249 -1.89 -3.07 -15.64
C TRP A 249 -1.25 -2.96 -17.03
N GLU A 250 -1.91 -2.26 -17.96
N GLU A 250 -1.89 -2.25 -17.96
CA GLU A 250 -1.32 -2.08 -19.28
CA GLU A 250 -1.29 -2.15 -19.28
C GLU A 250 0.00 -1.32 -19.17
C GLU A 250 -0.06 -1.25 -19.26
N ALA A 251 0.02 -0.31 -18.31
CA ALA A 251 1.24 0.49 -18.17
C ALA A 251 2.37 -0.39 -17.69
N TYR A 252 2.08 -1.31 -16.78
CA TYR A 252 3.09 -2.25 -16.31
C TYR A 252 3.52 -3.18 -17.43
N LEU A 253 2.56 -3.74 -18.16
CA LEU A 253 2.95 -4.64 -19.25
C LEU A 253 3.79 -3.91 -20.29
N SER A 254 3.47 -2.66 -20.58
CA SER A 254 4.19 -1.99 -21.65
C SER A 254 5.61 -1.67 -21.21
N ARG A 255 5.78 -1.50 -19.90
CA ARG A 255 7.10 -1.24 -19.34
C ARG A 255 8.00 -2.46 -19.44
N LEU A 256 7.43 -3.66 -19.27
CA LEU A 256 8.25 -4.86 -19.32
C LEU A 256 8.73 -5.14 -20.73
N GLY A 257 7.88 -4.86 -21.71
CA GLY A 257 8.16 -5.18 -23.10
C GLY A 257 7.98 -6.66 -23.41
P A1IT4 B . -7.10 10.34 -3.15
O1P A1IT4 B . -6.76 9.48 -4.34
O2P A1IT4 B . -6.46 11.70 -3.28
O5' A1IT4 B . -6.50 9.63 -1.87
C5' A1IT4 B . -5.12 9.42 -1.70
C4' A1IT4 B . -4.92 8.54 -0.50
O4' A1IT4 B . -3.54 8.15 -0.31
C1' A1IT4 B . -3.00 8.85 0.76
C2' A1IT4 B . -4.07 9.74 1.38
C3' A1IT4 B . -5.36 9.17 0.82
O3' A1IT4 B . -5.84 8.18 1.72
O2' A1IT4 B . -4.04 9.72 2.81
C4 A1IT4 B . 0.69 10.36 -0.14
N3 A1IT4 B . 0.63 9.33 0.71
N1 A1IT4 B . -1.70 9.35 0.49
C2 A1IT4 B . -0.54 8.77 1.02
C7 A1IT4 B . -1.59 10.41 -0.42
N2 A1IT4 B . -0.40 10.90 -0.70
O2 A1IT4 B . -0.64 7.80 1.76
O3P A1IT4 B . -8.54 10.49 -2.90
O4 A1IT4 B . 1.81 10.84 -0.43
O71 A1IT4 B . -2.62 10.91 -0.93
H5'2 A1IT4 B . -4.69 8.95 -2.59
H5'1 A1IT4 B . -4.61 10.38 -1.54
H4' A1IT4 B . -5.49 7.61 -0.68
H1' A1IT4 B . -2.84 8.10 1.55
H2' A1IT4 B . -3.90 10.75 0.99
H3' A1IT4 B . -6.11 9.96 0.61
HO3' A1IT4 B . -6.37 7.54 1.23
HO2' A1IT4 B . -4.02 8.80 3.12
HN3 A1IT4 B . 1.50 8.95 1.14
HN2 A1IT4 B . -0.31 11.71 -1.34
N PRO C . 6.30 -16.80 -12.89
CA PRO C . 5.66 -18.12 -13.00
C PRO C . 4.30 -18.17 -12.33
O PRO C . 3.58 -19.16 -12.49
CB PRO C . 6.65 -19.06 -12.29
CG PRO C . 7.96 -18.41 -12.54
CD PRO C . 7.73 -16.91 -12.54
OXT PRO C . 3.91 -17.23 -11.62
HA PRO C . 5.57 -18.38 -13.93
HB2 PRO C . 6.45 -19.10 -11.35
HB3 PRO C . 6.61 -19.94 -12.69
HG2 PRO C . 8.58 -18.66 -11.83
HG3 PRO C . 8.32 -18.70 -13.40
HD2 PRO C . 7.91 -16.54 -11.66
HD3 PRO C . 8.29 -16.48 -13.21
#